data_5VFM
#
_entry.id   5VFM
#
_cell.length_a   45.790
_cell.length_b   58.039
_cell.length_c   58.010
_cell.angle_alpha   90.00
_cell.angle_beta   96.04
_cell.angle_gamma   90.00
#
_symmetry.space_group_name_H-M   'P 1 21 1'
#
loop_
_entity.id
_entity.type
_entity.pdbx_description
1 polymer 'Basic phospholipase A2 homolog BnSP-7'
2 non-polymer 1-ETHOXY-2-(2-METHOXYETHOXY)ETHANE
3 non-polymer 'SULFATE ION'
4 non-polymer "4'-HYDROXYCINNAMIC ACID"
5 water water
#
_entity_poly.entity_id   1
_entity_poly.type   'polypeptide(L)'
_entity_poly.pdbx_seq_one_letter_code
;SLFELGKMILQETGKNPAKSYGAYGCNCGVLGRGQPKDATDRCCYVHKCCYKKLTGCDPKKDRYSYSWKDKTIVCGENNP
CLKELCECDKAVAICLRENLGTYNKKYRYHLKPFCKKADPC
;
_entity_poly.pdbx_strand_id   B,A
#
loop_
_chem_comp.id
_chem_comp.type
_chem_comp.name
_chem_comp.formula
HC4 non-polymer '4'-HYDROXYCINNAMIC ACID' 'C9 H8 O3'
ME2 non-polymer 1-ETHOXY-2-(2-METHOXYETHOXY)ETHANE 'C7 H16 O3'
SO4 non-polymer 'SULFATE ION' 'O4 S -2'
#
# COMPACT_ATOMS: atom_id res chain seq x y z
N SER A 1 13.34 -5.92 9.30
CA SER A 1 12.40 -4.85 8.95
C SER A 1 12.08 -4.89 7.47
N LEU A 2 11.26 -3.92 7.02
CA LEU A 2 10.92 -3.79 5.61
C LEU A 2 12.19 -3.58 4.77
N PHE A 3 13.23 -3.02 5.38
CA PHE A 3 14.49 -2.87 4.67
C PHE A 3 15.11 -4.26 4.33
N GLU A 4 15.29 -5.14 5.32
CA GLU A 4 15.83 -6.46 5.02
C GLU A 4 14.93 -7.25 4.07
N LEU A 5 13.64 -7.29 4.38
CA LEU A 5 12.66 -7.99 3.56
C LEU A 5 12.74 -7.57 2.09
N GLY A 6 12.81 -6.27 1.87
CA GLY A 6 12.89 -5.73 0.52
C GLY A 6 14.18 -6.09 -0.19
N LYS A 7 15.29 -6.05 0.53
CA LYS A 7 16.57 -6.42 -0.06
C LYS A 7 16.53 -7.90 -0.44
N MET A 8 15.99 -8.73 0.46
CA MET A 8 15.87 -10.17 0.18
C MET A 8 15.11 -10.43 -1.10
N ILE A 9 13.98 -9.74 -1.27
CA ILE A 9 13.13 -9.96 -2.44
C ILE A 9 13.86 -9.53 -3.71
N LEU A 10 14.53 -8.38 -3.62
CA LEU A 10 15.33 -7.89 -4.74
C LEU A 10 16.43 -8.89 -5.12
N GLN A 11 17.13 -9.40 -4.11
CA GLN A 11 18.23 -10.33 -4.34
C GLN A 11 17.74 -11.64 -4.98
N GLU A 12 16.64 -12.20 -4.49
CA GLU A 12 16.08 -13.44 -5.07
C GLU A 12 15.48 -13.19 -6.44
N THR A 13 14.52 -12.25 -6.54
CA THR A 13 13.77 -12.04 -7.78
C THR A 13 14.50 -11.21 -8.85
N GLY A 14 15.32 -10.26 -8.41
CA GLY A 14 15.94 -9.33 -9.33
C GLY A 14 14.99 -8.18 -9.68
N LYS A 15 13.84 -8.13 -9.01
CA LYS A 15 12.83 -7.11 -9.30
C LYS A 15 12.75 -6.07 -8.18
N ASN A 16 12.39 -4.85 -8.57
CA ASN A 16 12.08 -3.80 -7.62
C ASN A 16 11.02 -4.33 -6.68
N PRO A 17 11.37 -4.47 -5.40
CA PRO A 17 10.49 -5.12 -4.44
C PRO A 17 9.22 -4.29 -4.21
N ALA A 18 9.39 -3.02 -3.85
CA ALA A 18 8.25 -2.19 -3.53
C ALA A 18 7.28 -2.12 -4.71
N LYS A 19 7.79 -1.98 -5.92
CA LYS A 19 6.95 -1.86 -7.10
C LYS A 19 6.18 -3.15 -7.42
N SER A 20 6.86 -4.28 -7.34
CA SER A 20 6.25 -5.55 -7.75
C SER A 20 5.44 -6.23 -6.65
N TYR A 21 5.81 -6.00 -5.38
CA TYR A 21 5.21 -6.73 -4.28
C TYR A 21 4.69 -5.87 -3.13
N GLY A 22 4.76 -4.55 -3.26
CA GLY A 22 4.33 -3.67 -2.18
C GLY A 22 2.82 -3.65 -1.93
N ALA A 23 2.05 -4.00 -2.96
CA ALA A 23 0.60 -4.00 -2.86
C ALA A 23 -0.02 -5.11 -3.75
N TYR A 24 0.70 -6.21 -3.91
CA TYR A 24 0.26 -7.30 -4.78
C TYR A 24 -0.83 -8.16 -4.14
N GLY A 25 -1.92 -8.35 -4.87
CA GLY A 25 -2.96 -9.26 -4.44
C GLY A 25 -3.60 -8.87 -3.12
N CYS A 26 -4.10 -9.86 -2.40
CA CYS A 26 -4.76 -9.60 -1.14
C CYS A 26 -3.82 -9.75 0.06
N ASN A 27 -2.55 -10.07 -0.19
CA ASN A 27 -1.66 -10.46 0.90
C ASN A 27 -0.28 -9.87 0.91
N CYS A 28 0.24 -9.48 -0.25
CA CYS A 28 1.61 -8.95 -0.32
C CYS A 28 1.64 -7.48 0.06
N GLY A 29 2.58 -7.13 0.94
CA GLY A 29 2.79 -5.74 1.29
C GLY A 29 1.95 -5.24 2.45
N VAL A 30 1.34 -4.06 2.26
CA VAL A 30 0.60 -3.39 3.32
C VAL A 30 -0.63 -4.19 3.73
N LEU A 31 -1.20 -3.84 4.89
CA LEU A 31 -2.43 -4.45 5.41
C LEU A 31 -2.25 -5.96 5.68
N GLY A 32 -3.35 -6.65 5.97
CA GLY A 32 -3.30 -8.04 6.40
C GLY A 32 -3.45 -9.06 5.29
N ARG A 33 -4.20 -10.13 5.57
CA ARG A 33 -4.40 -11.22 4.62
C ARG A 33 -5.80 -11.25 4.01
N GLY A 34 -5.91 -11.85 2.83
CA GLY A 34 -7.19 -12.12 2.20
C GLY A 34 -7.11 -13.44 1.45
N GLN A 35 -8.20 -13.88 0.84
CA GLN A 35 -8.14 -15.07 0.00
C GLN A 35 -7.15 -14.81 -1.13
N PRO A 36 -6.11 -15.65 -1.21
CA PRO A 36 -5.04 -15.42 -2.18
C PRO A 36 -5.54 -15.44 -3.63
N LYS A 37 -5.00 -14.56 -4.46
CA LYS A 37 -5.39 -14.47 -5.86
C LYS A 37 -4.62 -15.47 -6.75
N ASP A 38 -3.40 -15.83 -6.34
CA ASP A 38 -2.57 -16.75 -7.10
C ASP A 38 -1.40 -17.24 -6.24
N ALA A 39 -0.39 -17.86 -6.85
CA ALA A 39 0.72 -18.43 -6.08
C ALA A 39 1.58 -17.35 -5.41
N THR A 40 1.89 -16.29 -6.15
CA THR A 40 2.65 -15.17 -5.60
C THR A 40 2.00 -14.61 -4.34
N ASP A 41 0.70 -14.40 -4.41
CA ASP A 41 -0.09 -13.89 -3.29
C ASP A 41 -0.03 -14.85 -2.11
N ARG A 42 -0.20 -16.14 -2.38
CA ARG A 42 -0.15 -17.17 -1.35
C ARG A 42 1.18 -17.22 -0.60
N CYS A 43 2.27 -16.92 -1.30
CA CYS A 43 3.56 -16.72 -0.64
C CYS A 43 3.42 -15.73 0.51
N CYS A 44 2.82 -14.57 0.23
CA CYS A 44 2.67 -13.53 1.23
C CYS A 44 1.66 -13.91 2.29
N TYR A 45 0.70 -14.74 1.92
CA TYR A 45 -0.27 -15.28 2.89
C TYR A 45 0.48 -16.08 3.95
N VAL A 46 1.28 -17.05 3.52
CA VAL A 46 2.11 -17.86 4.43
C VAL A 46 3.05 -16.96 5.26
N HIS A 47 3.64 -16.00 4.57
CA HIS A 47 4.53 -14.99 5.14
C HIS A 47 3.89 -14.28 6.35
N LYS A 48 2.67 -13.78 6.18
CA LYS A 48 2.00 -13.08 7.27
C LYS A 48 1.49 -14.03 8.37
N CYS A 49 1.17 -15.27 8.01
CA CYS A 49 0.89 -16.27 9.04
C CYS A 49 2.17 -16.60 9.83
N CYS A 50 3.31 -16.53 9.16
CA CYS A 50 4.57 -16.77 9.83
C CYS A 50 4.79 -15.70 10.90
N TYR A 51 4.43 -14.46 10.59
CA TYR A 51 4.60 -13.35 11.52
C TYR A 51 3.80 -13.52 12.81
N LYS A 52 2.67 -14.20 12.72
CA LYS A 52 1.78 -14.33 13.88
C LYS A 52 2.36 -15.25 14.93
N LYS A 53 3.42 -15.97 14.60
CA LYS A 53 4.02 -16.89 15.56
C LYS A 53 5.21 -16.26 16.28
N LEU A 54 5.53 -15.02 15.91
CA LEU A 54 6.66 -14.32 16.53
C LEU A 54 6.34 -13.93 17.97
N THR A 55 7.37 -13.56 18.73
CA THR A 55 7.20 -13.36 20.16
C THR A 55 7.48 -11.92 20.63
N GLY A 56 7.19 -10.94 19.79
CA GLY A 56 7.23 -9.55 20.26
C GLY A 56 8.04 -8.55 19.48
N CYS A 57 8.89 -9.03 18.56
CA CYS A 57 9.65 -8.13 17.71
C CYS A 57 8.78 -7.61 16.56
N ASP A 58 9.18 -6.48 15.99
CA ASP A 58 8.41 -5.74 14.98
C ASP A 58 8.83 -6.13 13.56
N PRO A 59 7.96 -6.88 12.86
CA PRO A 59 8.31 -7.33 11.51
C PRO A 59 8.53 -6.18 10.52
N LYS A 60 7.89 -5.04 10.76
CA LYS A 60 8.03 -3.88 9.88
C LYS A 60 9.27 -3.05 10.19
N LYS A 61 9.62 -2.91 11.45
CA LYS A 61 10.64 -1.92 11.80
C LYS A 61 11.91 -2.46 12.43
N ASP A 62 11.88 -3.67 12.99
CA ASP A 62 13.07 -4.20 13.64
C ASP A 62 14.10 -4.69 12.63
N ARG A 63 15.27 -4.05 12.63
CA ARG A 63 16.37 -4.48 11.78
C ARG A 63 16.95 -5.81 12.27
N TYR A 64 17.55 -6.57 11.37
CA TYR A 64 18.30 -7.76 11.77
C TYR A 64 19.46 -8.01 10.81
N SER A 65 20.38 -8.89 11.21
CA SER A 65 21.54 -9.21 10.39
C SER A 65 21.31 -10.45 9.54
N TYR A 66 21.66 -10.36 8.26
CA TYR A 66 21.67 -11.53 7.41
C TYR A 66 22.70 -11.29 6.34
N SER A 67 23.13 -12.34 5.65
CA SER A 67 24.05 -12.13 4.55
C SER A 67 23.64 -12.87 3.29
N TRP A 68 24.04 -12.31 2.16
CA TRP A 68 23.85 -12.90 0.84
C TRP A 68 25.16 -13.65 0.50
N LYS A 69 25.15 -14.95 0.80
CA LYS A 69 26.35 -15.79 0.72
C LYS A 69 26.11 -16.94 -0.26
N ASP A 70 26.92 -17.01 -1.31
CA ASP A 70 26.73 -18.02 -2.34
C ASP A 70 25.30 -17.93 -2.88
N LYS A 71 24.85 -16.69 -3.06
CA LYS A 71 23.52 -16.37 -3.58
C LYS A 71 22.43 -17.06 -2.79
N THR A 72 22.62 -17.06 -1.48
CA THR A 72 21.68 -17.66 -0.55
C THR A 72 21.50 -16.71 0.61
N ILE A 73 20.26 -16.57 1.06
CA ILE A 73 19.96 -15.77 2.23
C ILE A 73 20.33 -16.55 3.48
N VAL A 74 21.24 -16.01 4.27
CA VAL A 74 21.66 -16.69 5.49
C VAL A 74 21.37 -15.80 6.69
N CYS A 75 20.39 -16.21 7.50
CA CYS A 75 20.01 -15.42 8.66
C CYS A 75 21.08 -15.44 9.72
N GLY A 76 21.52 -14.26 10.12
CA GLY A 76 22.58 -14.12 11.10
C GLY A 76 22.12 -14.36 12.52
N GLU A 77 23.04 -14.11 13.45
CA GLU A 77 22.83 -14.43 14.86
C GLU A 77 21.53 -13.87 15.40
N ASN A 78 21.53 -12.57 15.67
CA ASN A 78 20.40 -11.88 16.28
C ASN A 78 19.90 -12.58 17.54
N ASN A 79 18.68 -12.25 17.95
CA ASN A 79 18.04 -12.90 19.08
C ASN A 79 16.98 -13.85 18.52
N PRO A 80 16.33 -14.67 19.38
CA PRO A 80 15.44 -15.68 18.82
C PRO A 80 14.28 -15.14 17.98
N CYS A 81 13.65 -14.06 18.41
CA CYS A 81 12.51 -13.54 17.66
C CYS A 81 12.99 -12.99 16.32
N LEU A 82 14.10 -12.28 16.33
CA LEU A 82 14.63 -11.71 15.10
C LEU A 82 15.06 -12.83 14.15
N LYS A 83 15.63 -13.90 14.70
CA LYS A 83 16.02 -15.05 13.90
C LYS A 83 14.81 -15.63 13.16
N GLU A 84 13.72 -15.85 13.89
CA GLU A 84 12.49 -16.38 13.32
C GLU A 84 11.90 -15.44 12.29
N LEU A 85 11.99 -14.14 12.58
CA LEU A 85 11.52 -13.11 11.67
C LEU A 85 12.31 -13.15 10.36
N CYS A 86 13.63 -13.25 10.48
CA CYS A 86 14.51 -13.31 9.32
C CYS A 86 14.17 -14.55 8.50
N GLU A 87 13.83 -15.66 9.17
CA GLU A 87 13.46 -16.86 8.45
C GLU A 87 12.12 -16.70 7.72
N CYS A 88 11.16 -16.03 8.35
CA CYS A 88 9.88 -15.70 7.69
C CYS A 88 10.11 -14.95 6.39
N ASP A 89 10.97 -13.93 6.45
CA ASP A 89 11.29 -13.09 5.31
C ASP A 89 12.05 -13.85 4.23
N LYS A 90 12.96 -14.71 4.64
CA LYS A 90 13.73 -15.50 3.69
C LYS A 90 12.78 -16.40 2.94
N ALA A 91 11.84 -16.99 3.66
CA ALA A 91 10.91 -17.94 3.06
C ALA A 91 10.04 -17.26 1.99
N VAL A 92 9.62 -16.02 2.23
CA VAL A 92 8.71 -15.41 1.26
C VAL A 92 9.50 -14.91 0.04
N ALA A 93 10.71 -14.38 0.24
CA ALA A 93 11.55 -13.99 -0.89
C ALA A 93 11.80 -15.17 -1.84
N ILE A 94 12.20 -16.30 -1.28
CA ILE A 94 12.38 -17.50 -2.08
C ILE A 94 11.12 -17.89 -2.82
N CYS A 95 10.00 -17.91 -2.09
CA CYS A 95 8.72 -18.28 -2.67
C CYS A 95 8.28 -17.33 -3.80
N LEU A 96 8.57 -16.04 -3.67
CA LEU A 96 8.21 -15.07 -4.70
C LEU A 96 9.02 -15.28 -5.99
N ARG A 97 10.30 -15.64 -5.83
CA ARG A 97 11.14 -15.92 -6.99
C ARG A 97 10.69 -17.20 -7.68
N GLU A 98 10.36 -18.22 -6.88
CA GLU A 98 9.90 -19.49 -7.43
C GLU A 98 8.63 -19.31 -8.25
N ASN A 99 7.82 -18.32 -7.91
CA ASN A 99 6.53 -18.17 -8.55
C ASN A 99 6.43 -17.02 -9.54
N LEU A 100 7.59 -16.44 -9.90
CA LEU A 100 7.69 -15.42 -10.94
C LEU A 100 7.00 -15.81 -12.24
N GLY A 101 6.97 -17.11 -12.52
CA GLY A 101 6.41 -17.59 -13.76
C GLY A 101 4.92 -17.38 -13.90
N THR A 102 4.21 -17.21 -12.78
CA THR A 102 2.78 -16.89 -12.86
C THR A 102 2.48 -15.50 -12.29
N TYR A 103 3.52 -14.69 -12.11
CA TYR A 103 3.34 -13.31 -11.65
C TYR A 103 2.40 -12.60 -12.61
N ASN A 104 1.37 -11.95 -12.07
CA ASN A 104 0.43 -11.23 -12.92
C ASN A 104 0.38 -9.74 -12.55
N LYS A 105 0.76 -8.87 -13.47
CA LYS A 105 0.79 -7.44 -13.14
C LYS A 105 -0.58 -6.89 -12.85
N LYS A 106 -1.64 -7.60 -13.24
CA LYS A 106 -2.98 -7.09 -13.00
C LYS A 106 -3.32 -7.10 -11.51
N TYR A 107 -2.53 -7.85 -10.73
CA TYR A 107 -2.70 -7.89 -9.28
C TYR A 107 -1.77 -6.91 -8.55
N ARG A 108 -0.87 -6.28 -9.29
CA ARG A 108 0.21 -5.49 -8.71
C ARG A 108 -0.23 -4.38 -7.75
N TYR A 109 -1.22 -3.59 -8.17
CA TYR A 109 -1.75 -2.54 -7.31
C TYR A 109 -3.19 -2.87 -6.91
N HIS A 110 -3.36 -3.99 -6.21
CA HIS A 110 -4.69 -4.54 -5.98
C HIS A 110 -5.46 -3.76 -4.91
N LEU A 111 -6.73 -3.48 -5.19
CA LEU A 111 -7.56 -2.81 -4.21
C LEU A 111 -7.93 -3.80 -3.11
N LYS A 112 -7.05 -3.89 -2.12
CA LYS A 112 -7.21 -4.88 -1.05
C LYS A 112 -8.51 -4.81 -0.23
N PRO A 113 -9.09 -3.59 -0.03
CA PRO A 113 -10.34 -3.58 0.74
C PRO A 113 -11.46 -4.46 0.18
N PHE A 114 -11.43 -4.79 -1.10
CA PHE A 114 -12.51 -5.59 -1.67
C PHE A 114 -12.15 -7.07 -1.69
N CYS A 115 -11.00 -7.42 -1.12
CA CYS A 115 -10.60 -8.82 -1.02
C CYS A 115 -11.55 -9.62 -0.13
N LYS A 116 -11.72 -10.91 -0.48
CA LYS A 116 -12.49 -11.82 0.36
C LYS A 116 -11.67 -12.12 1.62
N LYS A 117 -12.36 -12.41 2.72
CA LYS A 117 -11.72 -12.61 4.02
C LYS A 117 -10.87 -13.88 4.02
N ALA A 118 -9.67 -13.81 4.61
CA ALA A 118 -8.83 -15.00 4.68
C ALA A 118 -9.28 -15.94 5.79
N ASP A 119 -8.99 -17.23 5.60
CA ASP A 119 -9.13 -18.21 6.67
C ASP A 119 -8.13 -17.95 7.79
N PRO A 120 -8.42 -18.45 8.99
CA PRO A 120 -7.41 -18.31 10.06
C PRO A 120 -6.15 -19.10 9.76
N CYS A 121 -5.01 -18.58 10.19
CA CYS A 121 -3.73 -19.27 9.99
C CYS A 121 -3.75 -20.64 10.63
N SER B 1 -16.14 5.47 -3.18
CA SER B 1 -15.23 4.36 -2.95
C SER B 1 -13.91 4.59 -3.70
N LEU B 2 -13.00 3.62 -3.59
CA LEU B 2 -11.71 3.67 -4.28
C LEU B 2 -11.83 3.68 -5.79
N PHE B 3 -12.92 3.13 -6.31
CA PHE B 3 -13.18 3.12 -7.74
C PHE B 3 -13.43 4.55 -8.24
N GLU B 4 -14.30 5.28 -7.56
CA GLU B 4 -14.54 6.69 -7.90
C GLU B 4 -13.32 7.56 -7.65
N LEU B 5 -12.68 7.39 -6.50
CA LEU B 5 -11.50 8.17 -6.17
C LEU B 5 -10.39 7.98 -7.20
N GLY B 6 -10.19 6.74 -7.62
CA GLY B 6 -9.14 6.42 -8.57
C GLY B 6 -9.45 7.01 -9.93
N LYS B 7 -10.70 6.95 -10.33
CA LYS B 7 -11.07 7.52 -11.63
C LYS B 7 -10.91 9.05 -11.65
N MET B 8 -11.26 9.70 -10.55
CA MET B 8 -11.05 11.16 -10.44
C MET B 8 -9.59 11.55 -10.58
N ILE B 9 -8.71 10.78 -9.92
CA ILE B 9 -7.29 11.07 -9.92
C ILE B 9 -6.72 10.84 -11.33
N LEU B 10 -7.20 9.80 -11.98
CA LEU B 10 -6.79 9.51 -13.34
C LEU B 10 -7.21 10.63 -14.30
N GLN B 11 -8.47 11.06 -14.18
CA GLN B 11 -9.01 12.10 -15.05
C GLN B 11 -8.29 13.46 -14.86
N GLU B 12 -8.05 13.86 -13.61
CA GLU B 12 -7.37 15.14 -13.34
C GLU B 12 -5.88 15.08 -13.68
N THR B 13 -5.17 14.11 -13.10
CA THR B 13 -3.70 14.03 -13.25
C THR B 13 -3.23 13.43 -14.57
N GLY B 14 -4.00 12.52 -15.14
CA GLY B 14 -3.56 11.81 -16.34
C GLY B 14 -2.71 10.60 -15.99
N LYS B 15 -2.55 10.35 -14.69
CA LYS B 15 -1.65 9.28 -14.24
C LYS B 15 -2.42 8.07 -13.66
N ASN B 16 -1.86 6.88 -13.86
CA ASN B 16 -2.30 5.68 -13.15
C ASN B 16 -2.37 5.99 -11.64
N PRO B 17 -3.58 6.02 -11.07
CA PRO B 17 -3.81 6.42 -9.67
C PRO B 17 -3.19 5.47 -8.64
N ALA B 18 -3.47 4.18 -8.77
CA ALA B 18 -2.95 3.19 -7.84
C ALA B 18 -1.42 3.24 -7.83
N LYS B 19 -0.84 3.31 -9.01
CA LYS B 19 0.61 3.29 -9.14
C LYS B 19 1.31 4.54 -8.63
N SER B 20 0.78 5.72 -8.98
CA SER B 20 1.42 6.98 -8.59
C SER B 20 1.03 7.44 -7.19
N TYR B 21 -0.18 7.09 -6.74
CA TYR B 21 -0.69 7.63 -5.49
C TYR B 21 -1.12 6.59 -4.46
N GLY B 22 -1.13 5.31 -4.84
CA GLY B 22 -1.57 4.26 -3.95
C GLY B 22 -0.74 4.08 -2.69
N ALA B 23 0.51 4.55 -2.75
CA ALA B 23 1.42 4.42 -1.61
C ALA B 23 2.38 5.60 -1.54
N TYR B 24 1.95 6.75 -2.05
CA TYR B 24 2.86 7.90 -2.11
C TYR B 24 3.07 8.52 -0.74
N GLY B 25 4.34 8.67 -0.34
CA GLY B 25 4.70 9.44 0.83
C GLY B 25 4.08 8.89 2.10
N CYS B 26 3.80 9.79 3.05
CA CYS B 26 3.28 9.42 4.36
C CYS B 26 1.77 9.45 4.43
N ASN B 27 1.10 9.88 3.37
CA ASN B 27 -0.33 10.16 3.44
C ASN B 27 -1.18 9.64 2.30
N CYS B 28 -0.61 9.42 1.13
CA CYS B 28 -1.45 9.04 -0.01
C CYS B 28 -1.69 7.54 -0.02
N GLY B 29 -2.94 7.15 -0.27
CA GLY B 29 -3.29 5.76 -0.46
C GLY B 29 -3.56 4.97 0.81
N VAL B 30 -2.94 3.80 0.92
CA VAL B 30 -3.13 2.89 2.06
C VAL B 30 -2.73 3.52 3.39
N LEU B 31 -3.29 2.98 4.46
CA LEU B 31 -3.00 3.36 5.86
C LEU B 31 -3.47 4.79 6.18
N GLY B 32 -2.99 5.34 7.29
CA GLY B 32 -3.45 6.64 7.76
C GLY B 32 -2.57 7.81 7.34
N ARG B 33 -2.40 8.77 8.25
CA ARG B 33 -1.65 10.00 7.96
C ARG B 33 -0.24 9.98 8.56
N GLY B 34 0.61 10.87 8.07
CA GLY B 34 1.93 11.07 8.63
C GLY B 34 2.34 12.49 8.28
N GLN B 35 3.44 12.97 8.85
CA GLN B 35 3.98 14.26 8.45
C GLN B 35 4.23 14.27 6.94
N PRO B 36 3.63 15.23 6.24
CA PRO B 36 3.73 15.26 4.78
C PRO B 36 5.17 15.41 4.27
N LYS B 37 5.47 14.66 3.22
CA LYS B 37 6.77 14.72 2.58
C LYS B 37 6.85 15.89 1.59
N ASP B 38 5.72 16.21 0.96
CA ASP B 38 5.69 17.37 0.07
C ASP B 38 4.25 17.85 -0.18
N ALA B 39 4.05 18.62 -1.25
CA ALA B 39 2.73 19.17 -1.54
C ALA B 39 1.78 18.07 -2.00
N THR B 40 2.23 17.19 -2.88
CA THR B 40 1.47 16.01 -3.26
C THR B 40 1.02 15.22 -2.03
N ASP B 41 1.96 14.91 -1.14
CA ASP B 41 1.63 14.21 0.09
C ASP B 41 0.60 14.98 0.95
N ARG B 42 0.82 16.28 1.13
CA ARG B 42 -0.08 17.13 1.92
C ARG B 42 -1.54 17.18 1.39
N CYS B 43 -1.72 17.08 0.07
CA CYS B 43 -3.04 16.87 -0.53
C CYS B 43 -3.77 15.70 0.12
N CYS B 44 -3.04 14.60 0.30
CA CYS B 44 -3.65 13.38 0.83
C CYS B 44 -3.85 13.49 2.34
N TYR B 45 -3.02 14.32 2.99
CA TYR B 45 -3.21 14.65 4.40
C TYR B 45 -4.57 15.36 4.57
N VAL B 46 -4.81 16.39 3.76
CA VAL B 46 -6.07 17.12 3.81
C VAL B 46 -7.26 16.22 3.47
N HIS B 47 -7.05 15.40 2.44
CA HIS B 47 -7.92 14.30 2.03
C HIS B 47 -8.38 13.42 3.21
N LYS B 48 -7.45 12.84 3.94
CA LYS B 48 -7.81 11.96 5.04
C LYS B 48 -8.42 12.69 6.25
N CYS B 49 -8.03 13.93 6.50
CA CYS B 49 -8.68 14.74 7.52
C CYS B 49 -10.12 15.04 7.10
N CYS B 50 -10.32 15.25 5.79
CA CYS B 50 -11.66 15.46 5.23
C CYS B 50 -12.54 14.24 5.48
N TYR B 51 -11.92 13.07 5.49
CA TYR B 51 -12.60 11.81 5.71
C TYR B 51 -13.07 11.60 7.16
N LYS B 52 -12.46 12.30 8.11
CA LYS B 52 -12.70 11.97 9.53
C LYS B 52 -14.12 12.29 9.97
N LYS B 53 -14.78 13.23 9.30
CA LYS B 53 -16.17 13.57 9.63
C LYS B 53 -17.18 12.60 9.02
N LEU B 54 -16.76 11.82 8.02
CA LEU B 54 -17.68 10.91 7.33
C LEU B 54 -17.93 9.62 8.10
N THR B 55 -18.39 9.73 9.34
CA THR B 55 -18.57 8.55 10.16
C THR B 55 -19.84 7.81 9.76
N GLY B 56 -20.63 8.42 8.89
CA GLY B 56 -21.88 7.84 8.44
C GLY B 56 -21.76 7.01 7.16
N CYS B 57 -20.55 6.90 6.62
CA CYS B 57 -20.32 6.08 5.43
C CYS B 57 -18.86 5.58 5.33
N ASP B 58 -18.58 4.75 4.33
CA ASP B 58 -17.27 4.12 4.16
C ASP B 58 -16.52 4.68 2.94
N PRO B 59 -15.49 5.51 3.17
CA PRO B 59 -14.75 6.16 2.09
C PRO B 59 -14.05 5.18 1.16
N LYS B 60 -13.71 3.99 1.66
CA LYS B 60 -13.05 3.00 0.83
C LYS B 60 -14.06 2.19 0.00
N LYS B 61 -15.20 1.87 0.58
CA LYS B 61 -16.11 0.91 -0.05
C LYS B 61 -17.43 1.47 -0.57
N ASP B 62 -17.87 2.64 -0.11
CA ASP B 62 -19.18 3.12 -0.53
C ASP B 62 -19.13 3.80 -1.89
N ARG B 63 -19.89 3.27 -2.85
CA ARG B 63 -19.97 3.87 -4.17
C ARG B 63 -20.80 5.13 -4.13
N TYR B 64 -20.52 6.04 -5.07
CA TYR B 64 -21.37 7.22 -5.29
C TYR B 64 -21.35 7.62 -6.76
N SER B 65 -22.17 8.60 -7.11
CA SER B 65 -22.28 9.03 -8.49
C SER B 65 -21.63 10.39 -8.73
N TYR B 66 -20.90 10.48 -9.84
CA TYR B 66 -20.33 11.75 -10.27
C TYR B 66 -20.12 11.66 -11.76
N SER B 67 -20.04 12.82 -12.41
CA SER B 67 -19.81 12.83 -13.85
C SER B 67 -18.61 13.69 -14.20
N TRP B 68 -18.01 13.40 -15.34
CA TRP B 68 -16.91 14.16 -15.89
C TRP B 68 -17.48 15.03 -17.00
N LYS B 69 -17.78 16.28 -16.68
CA LYS B 69 -18.44 17.17 -17.64
C LYS B 69 -17.57 18.40 -17.87
N ASP B 70 -17.24 18.66 -19.13
CA ASP B 70 -16.37 19.78 -19.50
C ASP B 70 -15.08 19.78 -18.69
N LYS B 71 -14.42 18.62 -18.67
CA LYS B 71 -13.17 18.41 -17.94
C LYS B 71 -13.28 18.87 -16.49
N THR B 72 -14.44 18.60 -15.90
CA THR B 72 -14.72 19.00 -14.53
C THR B 72 -15.40 17.86 -13.81
N ILE B 73 -14.98 17.63 -12.58
CA ILE B 73 -15.64 16.65 -11.72
C ILE B 73 -16.91 17.27 -11.13
N VAL B 74 -18.05 16.68 -11.45
CA VAL B 74 -19.33 17.15 -10.91
C VAL B 74 -19.96 16.05 -10.05
N CYS B 75 -19.99 16.27 -8.74
CA CYS B 75 -20.58 15.29 -7.83
C CYS B 75 -22.08 15.20 -8.01
N GLY B 76 -22.58 13.97 -8.13
CA GLY B 76 -24.02 13.71 -8.23
C GLY B 76 -24.67 13.92 -6.87
N GLU B 77 -26.00 13.89 -6.86
CA GLU B 77 -26.79 14.27 -5.68
C GLU B 77 -26.37 13.55 -4.39
N ASN B 78 -26.71 12.27 -4.29
CA ASN B 78 -26.36 11.45 -3.13
C ASN B 78 -26.90 11.99 -1.79
N ASN B 79 -26.74 11.20 -0.73
CA ASN B 79 -27.13 11.62 0.62
C ASN B 79 -25.98 12.43 1.26
N PRO B 80 -26.23 13.05 2.43
CA PRO B 80 -25.19 13.93 3.02
C PRO B 80 -23.79 13.32 3.12
N CYS B 81 -23.67 12.08 3.57
CA CYS B 81 -22.34 11.53 3.74
C CYS B 81 -21.66 11.28 2.37
N LEU B 82 -22.37 10.64 1.45
CA LEU B 82 -21.80 10.31 0.13
C LEU B 82 -21.47 11.55 -0.69
N LYS B 83 -22.27 12.59 -0.54
CA LYS B 83 -22.00 13.85 -1.21
C LYS B 83 -20.71 14.45 -0.66
N GLU B 84 -20.59 14.51 0.66
CA GLU B 84 -19.36 15.03 1.27
C GLU B 84 -18.18 14.17 0.88
N LEU B 85 -18.38 12.85 0.80
CA LEU B 85 -17.31 11.92 0.46
C LEU B 85 -16.81 12.21 -0.95
N CYS B 86 -17.77 12.40 -1.85
CA CYS B 86 -17.46 12.80 -3.22
C CYS B 86 -16.66 14.11 -3.27
N GLU B 87 -16.98 15.06 -2.40
CA GLU B 87 -16.30 16.35 -2.45
C GLU B 87 -14.88 16.24 -1.88
N CYS B 88 -14.68 15.31 -0.95
CA CYS B 88 -13.34 15.05 -0.43
C CYS B 88 -12.47 14.54 -1.57
N ASP B 89 -13.03 13.63 -2.34
CA ASP B 89 -12.30 12.94 -3.40
C ASP B 89 -12.02 13.87 -4.56
N LYS B 90 -13.00 14.71 -4.91
CA LYS B 90 -12.82 15.71 -5.95
C LYS B 90 -11.68 16.65 -5.57
N ALA B 91 -11.67 17.10 -4.32
CA ALA B 91 -10.67 18.08 -3.86
C ALA B 91 -9.25 17.51 -3.88
N VAL B 92 -9.09 16.22 -3.57
CA VAL B 92 -7.73 15.68 -3.54
C VAL B 92 -7.27 15.42 -4.97
N ALA B 93 -8.18 15.07 -5.86
CA ALA B 93 -7.81 14.79 -7.24
C ALA B 93 -7.30 16.08 -7.90
N ILE B 94 -8.05 17.15 -7.67
CA ILE B 94 -7.64 18.49 -8.07
C ILE B 94 -6.28 18.88 -7.50
N CYS B 95 -6.10 18.68 -6.19
CA CYS B 95 -4.88 19.08 -5.52
C CYS B 95 -3.67 18.30 -6.05
N LEU B 96 -3.85 16.99 -6.22
CA LEU B 96 -2.81 16.14 -6.79
C LEU B 96 -2.40 16.65 -8.17
N ARG B 97 -3.39 17.03 -8.99
CA ARG B 97 -3.12 17.52 -10.33
C ARG B 97 -2.39 18.87 -10.27
N GLU B 98 -2.80 19.72 -9.35
CA GLU B 98 -2.20 21.04 -9.27
C GLU B 98 -0.75 20.96 -8.84
N ASN B 99 -0.39 19.87 -8.17
CA ASN B 99 0.95 19.72 -7.61
C ASN B 99 1.82 18.72 -8.35
N LEU B 100 1.45 18.41 -9.59
CA LEU B 100 2.21 17.49 -10.43
C LEU B 100 3.62 18.00 -10.68
N GLY B 101 3.79 19.31 -10.57
CA GLY B 101 5.07 19.94 -10.84
C GLY B 101 6.16 19.55 -9.85
N THR B 102 5.77 19.12 -8.66
CA THR B 102 6.77 18.73 -7.68
C THR B 102 6.60 17.28 -7.25
N TYR B 103 5.87 16.50 -8.06
CA TYR B 103 5.73 15.06 -7.78
C TYR B 103 7.12 14.43 -7.83
N ASN B 104 7.48 13.68 -6.79
CA ASN B 104 8.77 13.01 -6.73
C ASN B 104 8.60 11.48 -6.57
N LYS B 105 9.15 10.72 -7.51
CA LYS B 105 8.98 9.25 -7.55
C LYS B 105 9.67 8.56 -6.38
N LYS B 106 10.64 9.25 -5.76
CA LYS B 106 11.34 8.66 -4.62
C LYS B 106 10.36 8.40 -3.48
N TYR B 107 9.22 9.09 -3.52
CA TYR B 107 8.16 8.95 -2.54
C TYR B 107 7.05 8.02 -3.01
N ARG B 108 7.21 7.46 -4.20
CA ARG B 108 6.14 6.69 -4.81
C ARG B 108 5.79 5.44 -4.03
N TYR B 109 6.79 4.67 -3.65
CA TYR B 109 6.53 3.49 -2.83
C TYR B 109 7.16 3.70 -1.45
N HIS B 110 6.72 4.75 -0.78
CA HIS B 110 7.26 5.15 0.51
C HIS B 110 6.98 4.09 1.58
N LEU B 111 8.00 3.81 2.40
CA LEU B 111 7.86 2.92 3.54
C LEU B 111 7.21 3.68 4.70
N LYS B 112 5.89 3.62 4.75
CA LYS B 112 5.10 4.43 5.68
C LYS B 112 5.30 4.19 7.19
N PRO B 113 5.64 2.95 7.63
CA PRO B 113 5.83 2.80 9.08
C PRO B 113 6.92 3.68 9.68
N PHE B 114 7.86 4.15 8.87
CA PHE B 114 8.94 4.99 9.38
C PHE B 114 8.58 6.48 9.31
N CYS B 115 7.34 6.77 8.92
CA CYS B 115 6.87 8.17 8.87
C CYS B 115 6.70 8.75 10.27
N LYS B 116 6.98 10.04 10.41
CA LYS B 116 6.78 10.71 11.68
C LYS B 116 5.28 10.94 11.91
N LYS B 117 4.88 11.05 13.18
CA LYS B 117 3.46 11.21 13.51
C LYS B 117 2.92 12.51 12.94
N ALA B 118 1.65 12.49 12.54
CA ALA B 118 1.04 13.68 11.95
C ALA B 118 0.42 14.55 13.03
N ASP B 119 0.31 15.85 12.75
CA ASP B 119 -0.47 16.74 13.59
C ASP B 119 -1.92 16.27 13.57
N PRO B 120 -2.64 16.46 14.68
CA PRO B 120 -4.07 16.11 14.71
C PRO B 120 -4.84 16.92 13.67
N CYS B 121 -5.95 16.37 13.18
CA CYS B 121 -6.74 17.07 12.17
C CYS B 121 -7.39 18.30 12.77
C7 ME2 C . 6.49 -5.11 2.24
C6 ME2 C . 6.75 -5.23 0.65
O3 ME2 C . 8.15 -5.34 0.47
C5 ME2 C . 8.68 -4.41 -0.51
C4 ME2 C . 8.79 -3.02 0.11
O2 ME2 C . 9.74 -3.10 1.17
C3 ME2 C . 11.05 -2.98 0.67
C2 ME2 C . 11.29 -1.55 0.19
O1 ME2 C . 12.62 -1.47 -0.33
C1 ME2 C . 13.63 -1.27 0.67
S SO4 D . 11.94 -3.79 -12.29
O1 SO4 D . 11.66 -2.40 -12.62
O2 SO4 D . 12.47 -4.50 -13.45
O3 SO4 D . 10.72 -4.43 -11.84
O4 SO4 D . 12.94 -3.83 -11.22
S SO4 E . 7.81 -4.65 -15.23
O1 SO4 E . 7.40 -5.62 -16.24
O2 SO4 E . 9.10 -4.06 -15.61
O3 SO4 E . 7.98 -5.33 -13.96
O4 SO4 E . 6.80 -3.61 -15.11
S SO4 F . -4.88 -11.07 9.28
O1 SO4 F . -3.53 -11.56 9.01
O2 SO4 F . -5.28 -10.13 8.23
O3 SO4 F . -4.91 -10.41 10.59
O4 SO4 F . -5.81 -12.21 9.29
S SO4 G . 20.60 -5.02 5.82
O1 SO4 G . 21.08 -5.81 4.68
O2 SO4 G . 21.62 -4.05 6.18
O3 SO4 G . 19.37 -4.33 5.46
O4 SO4 G . 20.36 -5.90 6.97
C7 ME2 H . -6.27 5.45 -3.14
C6 ME2 H . -5.42 5.27 -4.41
O3 ME2 H . -6.15 5.68 -5.54
C5 ME2 H . -7.29 4.85 -5.83
C4 ME2 H . -6.84 3.67 -6.71
O2 ME2 H . -7.89 3.33 -7.63
C3 ME2 H . -7.65 2.15 -8.37
C2 ME2 H . -8.90 1.82 -9.30
S SO4 I . 1.42 6.40 -16.08
O1 SO4 I . 1.47 4.96 -16.34
O2 SO4 I . 1.95 7.11 -17.24
O3 SO4 I . 0.04 6.81 -15.85
O4 SO4 I . 2.23 6.69 -14.91
S SO4 J . -4.79 9.03 11.26
O1 SO4 J . -3.71 8.70 10.32
O2 SO4 J . -5.63 10.08 10.69
O3 SO4 J . -5.60 7.83 11.47
O4 SO4 J . -4.22 9.49 12.51
S SO4 K . 3.66 19.92 7.86
O1 SO4 K . 2.47 20.00 7.01
O2 SO4 K . 4.85 19.78 7.03
O3 SO4 K . 3.76 21.14 8.66
O4 SO4 K . 3.56 18.78 8.78
S SO4 L . -11.62 22.90 -11.51
O1 SO4 L . -11.47 22.68 -12.96
O2 SO4 L . -10.30 22.85 -10.88
O3 SO4 L . -12.50 21.88 -10.94
O4 SO4 L . -12.20 24.22 -11.27
S SO4 M . -13.49 19.19 6.96
O1 SO4 M . -12.67 18.79 5.82
O2 SO4 M . -13.43 20.65 7.11
O3 SO4 M . -14.87 18.80 6.71
O4 SO4 M . -13.01 18.55 8.18
C1 HC4 N . 7.83 2.33 -12.75
O1 HC4 N . 7.80 1.24 -13.36
O2 HC4 N . 8.23 2.45 -11.56
C2 HC4 N . 7.36 3.60 -13.37
C3 HC4 N . 6.98 3.90 -14.62
C1' HC4 N . 6.57 5.35 -14.85
C2' HC4 N . 7.02 6.36 -13.99
C3' HC4 N . 6.63 7.65 -14.21
C4' HC4 N . 5.80 7.91 -15.28
C5' HC4 N . 5.32 6.94 -16.17
C6' HC4 N . 5.72 5.62 -15.93
O4' HC4 N . 5.41 9.22 -15.50
#